data_4W8B
#
_entry.id   4W8B
#
_cell.length_a   120.632
_cell.length_b   120.632
_cell.length_c   59.004
_cell.angle_alpha   90.000
_cell.angle_beta   90.000
_cell.angle_gamma   120.000
#
_symmetry.space_group_name_H-M   'P 61'
#
loop_
_entity.id
_entity.type
_entity.pdbx_description
1 polymer Exo-xyloglucanase
2 branched alpha-D-xylopyranose-(1-6)-beta-D-glucopyranose-(1-4)-[alpha-D-xylopyranose-(1-6)]beta-D-glucopyranose-(1-4)-[beta-D-galactopyranose-(1-2)-alpha-D-xylopyranose-(1-6)]beta-D-glucopyranose-(1-4)-alpha-D-glucopyranose
3 branched alpha-D-xylopyranose-(1-6)-beta-D-glucopyranose-(1-4)-[alpha-D-xylopyranose-(1-6)]beta-D-glucopyranose-(1-4)-beta-D-glucopyranose
4 non-polymer 'SULFATE ION'
5 non-polymer GLYCEROL
6 water water
#
_entity_poly.entity_id   1
_entity_poly.type   'polypeptide(L)'
_entity_poly.pdbx_seq_one_letter_code
;KDAQAIAKDMYPGWNLGNTLEATGSGLDAETSWQPTLTTQQIIDAVKAAGFKSVRIPCSWDIHSDSNGEIDAQWMARVKQ
VVNYCINDGIYVVLNDHWDNGWIEVLGFSKSSSSYQAVDEATITSKITRLKDLWTQIANEFKDYDEHLLFAGLNEPFQEY
SLFSGHHEELTPILCRYNQAFVEAVRATGGNNAQRTLVVQGPSTNINSSVNYMTADKLPETAGRLMVEVHYYDPGQFCGT
FDASGDNAFYFWGAANHSTDHNATYGEEAYMLSQFGLLKTAYTSLGYPVIIGEYAALQRTISGDQNKHNASVKYFYQCVN
EYATNNGIIAFAWDTNDTNGLNSEGGSSTIIDRANSAVVGNNAMEGVKAGVAAGKWPFLEHHHHHH
;
_entity_poly.pdbx_strand_id   A
#
loop_
_chem_comp.id
_chem_comp.type
_chem_comp.name
_chem_comp.formula
BGC D-saccharide, beta linking beta-D-glucopyranose 'C6 H12 O6'
GAL D-saccharide, beta linking beta-D-galactopyranose 'C6 H12 O6'
GLC D-saccharide, alpha linking alpha-D-glucopyranose 'C6 H12 O6'
GOL non-polymer GLYCEROL 'C3 H8 O3'
SO4 non-polymer 'SULFATE ION' 'O4 S -2'
XYS D-saccharide, alpha linking alpha-D-xylopyranose 'C5 H10 O5'
#
# COMPACT_ATOMS: atom_id res chain seq x y z
N LYS A 1 6.76 -17.86 11.37
CA LYS A 1 7.32 -17.69 9.96
C LYS A 1 7.85 -16.29 9.86
N ASP A 2 8.98 -16.13 9.27
CA ASP A 2 9.62 -14.87 9.13
C ASP A 2 9.23 -14.17 7.85
N ALA A 3 9.86 -13.03 7.55
CA ALA A 3 9.42 -12.23 6.42
C ALA A 3 9.57 -12.96 5.11
N GLN A 4 10.67 -13.66 4.87
CA GLN A 4 10.83 -14.41 3.65
C GLN A 4 9.80 -15.51 3.56
N ALA A 5 9.49 -16.17 4.65
CA ALA A 5 8.60 -17.32 4.63
C ALA A 5 7.20 -16.86 4.29
N ILE A 6 6.76 -15.73 4.81
CA ILE A 6 5.40 -15.23 4.50
C ILE A 6 5.37 -14.57 3.11
N ALA A 7 6.43 -13.87 2.72
CA ALA A 7 6.40 -13.12 1.49
C ALA A 7 6.04 -13.97 0.30
N LYS A 8 6.59 -15.18 0.25
CA LYS A 8 6.41 -16.08 -0.86
C LYS A 8 4.96 -16.55 -0.99
N ASP A 9 4.15 -16.34 0.05
CA ASP A 9 2.75 -16.72 0.08
C ASP A 9 1.83 -15.53 0.05
N MET A 10 2.35 -14.33 -0.09
CA MET A 10 1.51 -13.13 0.04
C MET A 10 1.01 -12.57 -1.27
N TYR A 11 1.59 -12.87 -2.39
CA TYR A 11 1.22 -12.24 -3.63
C TYR A 11 0.10 -13.00 -4.31
N PRO A 12 -0.80 -12.31 -5.02
CA PRO A 12 -0.93 -10.85 -5.15
C PRO A 12 -1.75 -10.26 -4.02
N GLY A 13 -1.57 -8.95 -3.83
CA GLY A 13 -2.32 -8.21 -2.81
C GLY A 13 -3.38 -7.28 -3.35
N TRP A 14 -4.24 -6.84 -2.43
CA TRP A 14 -5.37 -5.95 -2.72
C TRP A 14 -5.59 -5.04 -1.55
N ASN A 15 -6.03 -3.80 -1.78
CA ASN A 15 -6.33 -2.85 -0.71
C ASN A 15 -7.85 -2.71 -0.49
N LEU A 16 -8.22 -2.67 0.78
CA LEU A 16 -9.56 -2.27 1.23
C LEU A 16 -9.59 -0.74 1.23
N GLY A 17 -9.54 -0.14 0.04
CA GLY A 17 -9.36 1.28 -0.06
C GLY A 17 -10.61 2.11 0.22
N ASN A 18 -10.39 3.32 0.68
CA ASN A 18 -11.44 4.29 0.98
C ASN A 18 -12.43 3.77 2.01
N THR A 19 -11.92 2.98 2.98
CA THR A 19 -12.75 2.30 3.93
C THR A 19 -12.40 2.72 5.36
N LEU A 20 -11.50 1.97 6.01
CA LEU A 20 -11.21 2.24 7.41
C LEU A 20 -10.25 3.42 7.59
N GLU A 21 -9.72 3.99 6.54
CA GLU A 21 -8.86 5.17 6.66
C GLU A 21 -9.64 6.45 6.53
N ALA A 22 -10.91 6.41 6.15
CA ALA A 22 -11.66 7.64 5.96
C ALA A 22 -11.57 8.47 7.25
N THR A 23 -11.44 9.78 7.11
CA THR A 23 -11.22 10.62 8.28
C THR A 23 -12.50 11.11 8.87
N GLY A 24 -13.32 10.25 9.34
CA GLY A 24 -14.50 10.49 10.14
C GLY A 24 -14.22 9.99 11.52
N SER A 25 -14.98 10.50 12.49
CA SER A 25 -14.77 10.25 13.87
C SER A 25 -15.46 9.03 14.41
N GLY A 26 -16.40 8.49 13.66
CA GLY A 26 -17.21 7.36 14.18
C GLY A 26 -17.06 6.11 13.35
N LEU A 27 -17.77 5.08 13.77
CA LEU A 27 -17.72 3.83 13.03
C LEU A 27 -18.24 3.97 11.61
N ASP A 28 -19.18 4.92 11.44
CA ASP A 28 -19.76 5.27 10.16
C ASP A 28 -18.73 5.77 9.18
N ALA A 29 -17.53 6.09 9.61
CA ALA A 29 -16.47 6.46 8.68
C ALA A 29 -16.24 5.34 7.66
N GLU A 30 -16.46 4.06 8.03
CA GLU A 30 -16.20 2.97 7.13
C GLU A 30 -16.91 3.05 5.82
N THR A 31 -18.12 3.69 5.80
CA THR A 31 -18.96 3.83 4.62
C THR A 31 -19.12 5.27 4.23
N SER A 32 -18.17 6.12 4.55
CA SER A 32 -18.24 7.50 4.25
C SER A 32 -17.66 7.87 2.86
N TRP A 33 -16.60 7.18 2.48
CA TRP A 33 -15.89 7.39 1.23
C TRP A 33 -16.12 6.31 0.20
N GLN A 34 -16.89 5.26 0.60
CA GLN A 34 -17.34 4.21 -0.30
C GLN A 34 -18.59 3.62 0.39
N PRO A 35 -19.47 2.97 -0.37
CA PRO A 35 -20.82 2.70 0.18
C PRO A 35 -21.04 1.47 0.94
N THR A 36 -20.15 0.47 0.91
CA THR A 36 -20.48 -0.90 1.29
C THR A 36 -19.85 -1.28 2.61
N LEU A 37 -20.65 -1.63 3.61
CA LEU A 37 -20.11 -2.09 4.88
C LEU A 37 -19.38 -3.40 4.63
N THR A 38 -18.16 -3.53 5.19
CA THR A 38 -17.37 -4.73 4.94
C THR A 38 -18.03 -5.92 5.65
N THR A 39 -17.96 -7.07 4.99
CA THR A 39 -18.46 -8.32 5.49
C THR A 39 -17.47 -9.47 5.21
N GLN A 40 -17.70 -10.60 5.86
CA GLN A 40 -16.99 -11.78 5.57
C GLN A 40 -17.16 -12.17 4.07
N GLN A 41 -18.37 -12.07 3.56
CA GLN A 41 -18.64 -12.43 2.20
C GLN A 41 -17.81 -11.62 1.21
N ILE A 42 -17.61 -10.34 1.48
CA ILE A 42 -16.79 -9.50 0.60
C ILE A 42 -15.35 -9.97 0.62
N ILE A 43 -14.82 -10.23 1.80
CA ILE A 43 -13.44 -10.74 1.90
C ILE A 43 -13.28 -12.10 1.24
N ASP A 44 -14.32 -12.94 1.41
CA ASP A 44 -14.32 -14.21 0.72
C ASP A 44 -14.19 -14.00 -0.80
N ALA A 45 -14.87 -13.01 -1.33
CA ALA A 45 -14.80 -12.73 -2.77
C ALA A 45 -13.39 -12.26 -3.19
N VAL A 46 -12.71 -11.48 -2.37
CA VAL A 46 -11.38 -11.05 -2.62
C VAL A 46 -10.44 -12.28 -2.72
N LYS A 47 -10.60 -13.21 -1.77
CA LYS A 47 -9.84 -14.44 -1.80
C LYS A 47 -10.20 -15.26 -3.07
N ALA A 48 -11.47 -15.40 -3.36
CA ALA A 48 -11.91 -16.19 -4.51
C ALA A 48 -11.33 -15.64 -5.82
N ALA A 49 -11.15 -14.34 -5.91
CA ALA A 49 -10.57 -13.75 -7.10
C ALA A 49 -9.13 -14.14 -7.28
N GLY A 50 -8.43 -14.48 -6.21
CA GLY A 50 -7.05 -14.89 -6.27
C GLY A 50 -6.10 -14.10 -5.44
N PHE A 51 -6.58 -13.09 -4.71
CA PHE A 51 -5.69 -12.34 -3.85
C PHE A 51 -5.34 -13.14 -2.59
N LYS A 52 -4.11 -12.98 -2.15
CA LYS A 52 -3.59 -13.69 -0.99
C LYS A 52 -3.35 -12.79 0.21
N SER A 53 -3.32 -11.47 0.02
CA SER A 53 -3.11 -10.53 1.07
C SER A 53 -3.99 -9.31 0.86
N VAL A 54 -4.38 -8.68 1.95
CA VAL A 54 -5.19 -7.49 1.96
C VAL A 54 -4.48 -6.42 2.77
N ARG A 55 -4.19 -5.26 2.19
CA ARG A 55 -3.76 -4.10 2.91
C ARG A 55 -5.00 -3.36 3.35
N ILE A 56 -5.02 -3.04 4.66
CA ILE A 56 -6.14 -2.31 5.30
C ILE A 56 -5.61 -0.98 5.71
N PRO A 57 -5.76 0.02 4.82
CA PRO A 57 -5.52 1.39 5.26
C PRO A 57 -6.42 1.68 6.41
N CYS A 58 -5.92 2.33 7.47
CA CYS A 58 -6.71 2.52 8.66
C CYS A 58 -6.26 3.78 9.35
N SER A 59 -7.22 4.58 9.83
CA SER A 59 -6.94 5.75 10.58
C SER A 59 -7.20 5.50 12.04
N TRP A 60 -6.37 6.05 12.89
CA TRP A 60 -6.37 5.76 14.31
C TRP A 60 -6.35 7.08 15.13
N ASP A 61 -5.52 8.03 14.78
CA ASP A 61 -5.50 9.32 15.47
C ASP A 61 -6.90 9.97 15.38
N ILE A 62 -7.52 9.90 14.23
CA ILE A 62 -8.84 10.48 14.06
C ILE A 62 -9.87 9.80 14.91
N HIS A 63 -9.65 8.56 15.30
CA HIS A 63 -10.50 7.78 16.17
C HIS A 63 -10.03 7.81 17.62
N SER A 64 -9.25 8.78 18.02
CA SER A 64 -8.77 8.86 19.38
C SER A 64 -9.40 10.02 20.10
N ASP A 65 -9.54 9.85 21.42
CA ASP A 65 -9.91 10.95 22.32
C ASP A 65 -8.73 11.91 22.52
N SER A 66 -8.95 12.93 23.36
CA SER A 66 -7.93 13.91 23.61
C SER A 66 -6.76 13.38 24.42
N ASN A 67 -6.95 12.30 25.13
CA ASN A 67 -5.89 11.60 25.85
C ASN A 67 -5.16 10.61 24.93
N GLY A 68 -5.50 10.53 23.66
CA GLY A 68 -4.84 9.67 22.75
C GLY A 68 -5.33 8.27 22.70
N GLU A 69 -6.39 7.97 23.46
CA GLU A 69 -6.88 6.61 23.51
C GLU A 69 -7.77 6.34 22.30
N ILE A 70 -7.51 5.27 21.60
CA ILE A 70 -8.33 4.89 20.45
C ILE A 70 -9.67 4.43 20.94
N ASP A 71 -10.75 4.91 20.33
CA ASP A 71 -12.11 4.49 20.66
C ASP A 71 -12.17 2.98 20.68
N ALA A 72 -12.72 2.41 21.77
CA ALA A 72 -12.77 0.99 21.91
C ALA A 72 -13.69 0.34 20.86
N GLN A 73 -14.79 1.01 20.52
CA GLN A 73 -15.69 0.46 19.53
C GLN A 73 -15.07 0.47 18.15
N TRP A 74 -14.25 1.50 17.85
CA TRP A 74 -13.51 1.52 16.59
C TRP A 74 -12.50 0.38 16.56
N MET A 75 -11.72 0.21 17.64
CA MET A 75 -10.74 -0.88 17.69
C MET A 75 -11.45 -2.20 17.44
N ALA A 76 -12.60 -2.41 18.12
CA ALA A 76 -13.30 -3.65 17.94
C ALA A 76 -13.79 -3.91 16.48
N ARG A 77 -14.21 -2.85 15.80
CA ARG A 77 -14.61 -3.01 14.43
C ARG A 77 -13.42 -3.33 13.54
N VAL A 78 -12.30 -2.65 13.73
CA VAL A 78 -11.10 -2.94 12.95
C VAL A 78 -10.75 -4.39 13.14
N LYS A 79 -10.80 -4.88 14.40
CA LYS A 79 -10.50 -6.29 14.66
C LYS A 79 -11.44 -7.19 13.92
N GLN A 80 -12.73 -6.88 13.87
CA GLN A 80 -13.66 -7.72 13.12
C GLN A 80 -13.30 -7.84 11.66
N VAL A 81 -12.87 -6.70 11.06
CA VAL A 81 -12.50 -6.71 9.67
C VAL A 81 -11.22 -7.50 9.42
N VAL A 82 -10.22 -7.28 10.28
CA VAL A 82 -9.02 -8.10 10.24
C VAL A 82 -9.40 -9.59 10.34
N ASN A 83 -10.31 -9.92 11.24
CA ASN A 83 -10.72 -11.30 11.43
C ASN A 83 -11.34 -11.90 10.19
N TYR A 84 -12.10 -11.14 9.43
CA TYR A 84 -12.64 -11.70 8.18
C TYR A 84 -11.50 -12.25 7.31
N CYS A 85 -10.39 -11.51 7.27
CA CYS A 85 -9.24 -11.92 6.51
C CYS A 85 -8.54 -13.10 7.11
N ILE A 86 -8.26 -13.02 8.41
CA ILE A 86 -7.55 -14.13 9.10
C ILE A 86 -8.33 -15.39 9.00
N ASN A 87 -9.64 -15.30 9.10
CA ASN A 87 -10.55 -16.48 8.96
C ASN A 87 -10.33 -17.20 7.65
N ASP A 88 -9.91 -16.51 6.62
CA ASP A 88 -9.69 -17.00 5.26
C ASP A 88 -8.24 -17.30 4.97
N GLY A 89 -7.35 -17.18 5.95
CA GLY A 89 -5.94 -17.39 5.70
C GLY A 89 -5.29 -16.31 4.89
N ILE A 90 -5.90 -15.14 4.82
CA ILE A 90 -5.41 -13.98 4.08
C ILE A 90 -4.43 -13.22 4.95
N TYR A 91 -3.27 -12.87 4.41
CA TYR A 91 -2.35 -11.99 5.11
C TYR A 91 -2.86 -10.59 5.13
N VAL A 92 -2.74 -9.88 6.23
CA VAL A 92 -3.24 -8.53 6.42
C VAL A 92 -2.06 -7.59 6.66
N VAL A 93 -2.05 -6.49 5.93
CA VAL A 93 -1.12 -5.41 6.22
C VAL A 93 -1.96 -4.26 6.78
N LEU A 94 -1.93 -4.08 8.11
CA LEU A 94 -2.73 -3.10 8.80
C LEU A 94 -1.86 -1.87 9.07
N ASN A 95 -2.24 -0.70 8.56
CA ASN A 95 -1.39 0.48 8.68
C ASN A 95 -2.00 1.54 9.59
N ASP A 96 -1.25 2.63 9.72
CA ASP A 96 -1.82 3.95 10.08
C ASP A 96 -1.63 4.79 8.83
N HIS A 97 -2.77 5.25 8.29
CA HIS A 97 -2.80 5.84 6.96
C HIS A 97 -2.53 7.33 7.02
N TRP A 98 -2.95 8.09 5.97
CA TRP A 98 -2.83 9.53 6.03
C TRP A 98 -3.41 10.09 7.34
N ASP A 99 -4.60 9.65 7.71
CA ASP A 99 -5.07 9.87 9.09
C ASP A 99 -5.03 11.36 9.41
N ASN A 100 -5.54 12.14 8.47
CA ASN A 100 -5.67 13.60 8.58
C ASN A 100 -4.34 14.30 8.69
N GLY A 101 -3.26 13.66 8.26
CA GLY A 101 -1.93 14.28 8.16
C GLY A 101 -1.19 14.43 9.45
N TRP A 102 -1.61 13.81 10.56
CA TRP A 102 -1.04 14.09 11.87
C TRP A 102 0.45 13.84 11.91
N ILE A 103 0.91 12.81 11.21
CA ILE A 103 2.36 12.59 11.06
C ILE A 103 2.78 12.68 9.59
N GLU A 104 1.92 12.26 8.66
CA GLU A 104 2.32 12.21 7.25
C GLU A 104 2.69 13.58 6.73
N VAL A 105 2.02 14.62 7.22
CA VAL A 105 2.30 15.99 6.94
C VAL A 105 3.01 16.64 8.14
N LEU A 106 2.34 16.65 9.29
CA LEU A 106 2.80 17.45 10.42
C LEU A 106 3.96 16.85 11.20
N GLY A 107 4.37 15.63 10.82
CA GLY A 107 5.63 15.12 11.28
C GLY A 107 6.84 15.70 10.57
N PHE A 108 6.59 16.44 9.48
CA PHE A 108 7.67 16.90 8.62
C PHE A 108 7.59 18.37 8.32
N SER A 109 6.46 19.03 8.54
CA SER A 109 6.33 20.48 8.48
C SER A 109 5.55 20.91 9.70
N LYS A 110 5.85 22.10 10.22
CA LYS A 110 5.06 22.68 11.27
C LYS A 110 3.78 23.34 10.74
N SER A 111 3.60 23.42 9.45
CA SER A 111 2.46 24.00 8.79
C SER A 111 1.98 23.10 7.70
N SER A 112 0.65 23.03 7.52
CA SER A 112 0.05 22.34 6.42
C SER A 112 -0.05 23.19 5.19
N SER A 113 0.19 24.51 5.27
CA SER A 113 0.06 25.43 4.11
C SER A 113 1.37 25.80 3.45
N SER A 114 2.50 25.69 4.17
CA SER A 114 3.76 25.92 3.54
C SER A 114 4.76 25.09 4.30
N TYR A 115 5.92 24.85 3.67
CA TYR A 115 6.95 24.09 4.32
C TYR A 115 7.58 24.95 5.42
N GLN A 116 7.54 24.45 6.63
CA GLN A 116 8.17 25.08 7.81
C GLN A 116 8.89 23.97 8.54
N ALA A 117 10.20 24.01 8.49
CA ALA A 117 10.93 22.86 9.01
C ALA A 117 10.59 22.53 10.47
N VAL A 118 10.46 21.28 10.78
CA VAL A 118 10.22 20.86 12.12
C VAL A 118 11.54 20.86 12.93
N ASP A 119 11.39 20.85 14.22
CA ASP A 119 12.51 20.83 15.18
C ASP A 119 12.46 19.65 16.07
N GLU A 120 13.41 19.50 17.00
CA GLU A 120 13.48 18.31 17.81
C GLU A 120 12.25 18.20 18.67
N ALA A 121 11.69 19.31 19.16
CA ALA A 121 10.49 19.20 19.97
C ALA A 121 9.36 18.57 19.18
N THR A 122 9.21 18.95 17.92
CA THR A 122 8.18 18.34 17.09
C THR A 122 8.47 16.88 16.90
N ILE A 123 9.70 16.53 16.49
CA ILE A 123 9.99 15.14 16.16
C ILE A 123 9.77 14.25 17.38
N THR A 124 10.27 14.64 18.54
CA THR A 124 10.13 13.81 19.70
C THR A 124 8.68 13.68 20.13
N SER A 125 7.88 14.72 19.96
CA SER A 125 6.44 14.65 20.29
C SER A 125 5.75 13.69 19.34
N LYS A 126 6.11 13.70 18.06
CA LYS A 126 5.49 12.78 17.09
C LYS A 126 5.93 11.38 17.32
N ILE A 127 7.21 11.14 17.73
CA ILE A 127 7.66 9.84 18.14
C ILE A 127 6.77 9.31 19.28
N THR A 128 6.56 10.13 20.27
CA THR A 128 5.80 9.63 21.44
C THR A 128 4.37 9.30 21.05
N ARG A 129 3.73 10.16 20.24
CA ARG A 129 2.35 9.87 19.79
C ARG A 129 2.31 8.61 18.96
N LEU A 130 3.28 8.44 18.05
CA LEU A 130 3.34 7.25 17.21
C LEU A 130 3.46 5.98 18.05
N LYS A 131 4.35 6.05 19.07
CA LYS A 131 4.52 4.90 19.95
C LYS A 131 3.22 4.64 20.76
N ASP A 132 2.56 5.68 21.21
CA ASP A 132 1.31 5.52 21.94
C ASP A 132 0.33 4.76 21.08
N LEU A 133 0.08 5.25 19.85
CA LEU A 133 -0.87 4.59 18.97
C LEU A 133 -0.48 3.13 18.73
N TRP A 134 0.78 2.90 18.36
CA TRP A 134 1.17 1.57 17.98
C TRP A 134 1.22 0.62 19.17
N THR A 135 1.48 1.12 20.39
CA THR A 135 1.36 0.29 21.59
C THR A 135 -0.06 -0.20 21.73
N GLN A 136 -1.02 0.69 21.56
CA GLN A 136 -2.43 0.31 21.69
C GLN A 136 -2.79 -0.71 20.63
N ILE A 137 -2.43 -0.50 19.40
CA ILE A 137 -2.76 -1.41 18.32
C ILE A 137 -2.09 -2.75 18.54
N ALA A 138 -0.79 -2.73 18.82
CA ALA A 138 -0.03 -3.94 18.98
C ALA A 138 -0.63 -4.77 20.13
N ASN A 139 -0.95 -4.14 21.26
CA ASN A 139 -1.47 -4.88 22.38
C ASN A 139 -2.82 -5.51 22.03
N GLU A 140 -3.68 -4.81 21.30
CA GLU A 140 -4.97 -5.39 20.93
C GLU A 140 -4.80 -6.65 20.07
N PHE A 141 -3.82 -6.60 19.19
CA PHE A 141 -3.60 -7.66 18.21
C PHE A 141 -2.45 -8.62 18.54
N LYS A 142 -2.06 -8.63 19.77
CA LYS A 142 -0.82 -9.29 20.12
C LYS A 142 -0.85 -10.73 19.81
N ASP A 143 -2.06 -11.39 19.99
CA ASP A 143 -2.10 -12.89 19.80
C ASP A 143 -2.35 -13.52 18.34
N TYR A 144 -2.38 -12.52 17.45
CA TYR A 144 -2.45 -12.79 16.05
C TYR A 144 -1.12 -13.31 15.57
N ASP A 145 -1.13 -14.29 14.70
CA ASP A 145 0.05 -14.94 14.19
C ASP A 145 0.60 -14.11 13.00
N GLU A 146 1.55 -14.71 12.30
CA GLU A 146 2.28 -14.05 11.21
C GLU A 146 1.41 -13.61 10.04
N HIS A 147 0.18 -14.06 9.99
CA HIS A 147 -0.75 -13.55 9.00
C HIS A 147 -1.01 -12.07 9.12
N LEU A 148 -0.78 -11.47 10.29
CA LEU A 148 -0.99 -10.05 10.50
C LEU A 148 0.33 -9.36 10.52
N LEU A 149 0.51 -8.37 9.62
CA LEU A 149 1.63 -7.49 9.54
C LEU A 149 1.15 -6.10 9.93
N PHE A 150 2.04 -5.28 10.49
CA PHE A 150 1.74 -3.87 10.73
C PHE A 150 2.63 -3.02 9.85
N ALA A 151 2.10 -1.90 9.40
CA ALA A 151 2.81 -0.88 8.59
C ALA A 151 2.67 0.45 9.31
N GLY A 152 3.77 1.05 9.71
CA GLY A 152 3.67 2.15 10.70
C GLY A 152 3.09 3.43 10.20
N LEU A 153 3.34 3.76 8.93
CA LEU A 153 2.96 4.97 8.26
C LEU A 153 2.38 4.58 6.88
N ASN A 154 2.09 5.59 6.07
CA ASN A 154 1.56 5.44 4.69
C ASN A 154 2.51 6.07 3.71
N GLU A 155 2.36 7.36 3.44
CA GLU A 155 3.13 8.06 2.42
C GLU A 155 3.84 9.29 3.02
N PRO A 156 4.79 9.04 3.92
CA PRO A 156 5.46 10.14 4.62
C PRO A 156 5.96 11.22 3.64
N PHE A 157 5.62 12.45 3.92
CA PHE A 157 5.99 13.63 3.18
C PHE A 157 5.81 13.50 1.65
N GLN A 158 4.73 12.84 1.25
CA GLN A 158 4.42 12.80 -0.18
C GLN A 158 3.84 14.09 -0.71
N GLU A 159 3.32 14.96 0.11
CA GLU A 159 2.56 16.12 -0.39
C GLU A 159 3.49 17.05 -1.15
N TYR A 160 3.32 17.10 -2.47
CA TYR A 160 4.31 17.66 -3.38
C TYR A 160 4.55 19.13 -3.12
N SER A 161 3.52 19.89 -2.93
CA SER A 161 3.63 21.33 -2.75
C SER A 161 4.43 21.72 -1.51
N LEU A 162 4.41 20.88 -0.47
CA LEU A 162 5.16 21.09 0.73
C LEU A 162 6.55 20.54 0.63
N PHE A 163 6.68 19.32 0.12
CA PHE A 163 7.87 18.52 0.40
C PHE A 163 8.78 18.18 -0.76
N SER A 164 8.32 18.50 -1.98
CA SER A 164 9.13 18.23 -3.15
C SER A 164 10.48 18.95 -3.01
N GLY A 165 11.56 18.27 -3.27
CA GLY A 165 12.85 18.85 -3.07
C GLY A 165 13.44 18.85 -1.68
N HIS A 166 12.71 18.25 -0.73
CA HIS A 166 13.15 18.16 0.65
C HIS A 166 13.39 16.71 1.07
N HIS A 167 13.43 15.78 0.12
CA HIS A 167 13.54 14.39 0.52
C HIS A 167 14.83 14.02 1.24
N GLU A 168 15.95 14.54 0.79
CA GLU A 168 17.23 14.26 1.47
C GLU A 168 17.15 14.72 2.92
N GLU A 169 16.61 15.93 3.13
CA GLU A 169 16.51 16.49 4.43
C GLU A 169 15.57 15.73 5.34
N LEU A 170 14.46 15.23 4.80
CA LEU A 170 13.40 14.63 5.60
C LEU A 170 13.57 13.17 5.87
N THR A 171 14.31 12.45 5.01
CA THR A 171 14.42 11.04 5.19
C THR A 171 15.02 10.65 6.54
N PRO A 172 16.00 11.38 7.13
CA PRO A 172 16.47 10.99 8.45
C PRO A 172 15.37 11.05 9.53
N ILE A 173 14.47 11.99 9.38
CA ILE A 173 13.36 12.15 10.31
C ILE A 173 12.43 10.93 10.20
N LEU A 174 12.07 10.58 8.94
CA LEU A 174 11.32 9.37 8.71
C LEU A 174 11.99 8.14 9.27
N CYS A 175 13.30 8.01 9.14
CA CYS A 175 13.97 6.86 9.72
C CYS A 175 13.71 6.80 11.23
N ARG A 176 13.71 7.95 11.91
CA ARG A 176 13.42 8.00 13.33
C ARG A 176 12.01 7.54 13.63
N TYR A 177 11.02 7.97 12.82
CA TYR A 177 9.67 7.52 13.00
C TYR A 177 9.52 6.01 12.74
N ASN A 178 10.10 5.50 11.66
CA ASN A 178 10.02 4.08 11.40
C ASN A 178 10.60 3.28 12.55
N GLN A 179 11.75 3.75 13.08
CA GLN A 179 12.39 3.09 14.22
C GLN A 179 11.46 3.10 15.44
N ALA A 180 10.83 4.23 15.69
CA ALA A 180 9.93 4.36 16.85
C ALA A 180 8.78 3.39 16.75
N PHE A 181 8.18 3.27 15.55
CA PHE A 181 7.10 2.30 15.32
C PHE A 181 7.60 0.87 15.66
N VAL A 182 8.72 0.49 15.09
CA VAL A 182 9.22 -0.86 15.31
C VAL A 182 9.50 -1.07 16.81
N GLU A 183 10.17 -0.11 17.44
CA GLU A 183 10.48 -0.26 18.89
C GLU A 183 9.22 -0.47 19.68
N ALA A 184 8.19 0.31 19.44
CA ALA A 184 6.98 0.23 20.22
C ALA A 184 6.32 -1.11 20.06
N VAL A 185 6.25 -1.60 18.82
CA VAL A 185 5.63 -2.88 18.58
C VAL A 185 6.41 -4.00 19.23
N ARG A 186 7.70 -4.02 18.99
CA ARG A 186 8.52 -5.12 19.51
C ARG A 186 8.50 -5.18 21.04
N ALA A 187 8.37 -4.02 21.66
CA ALA A 187 8.38 -4.00 23.12
C ALA A 187 7.20 -4.77 23.69
N THR A 188 6.09 -4.89 22.98
CA THR A 188 4.89 -5.53 23.51
C THR A 188 5.06 -7.04 23.50
N GLY A 189 6.03 -7.58 22.90
CA GLY A 189 6.53 -8.96 23.00
C GLY A 189 5.65 -9.96 22.27
N GLY A 190 5.73 -11.22 22.64
CA GLY A 190 4.68 -12.26 22.18
C GLY A 190 4.80 -12.30 20.73
N ASN A 191 3.63 -12.48 20.09
CA ASN A 191 3.76 -12.56 18.72
C ASN A 191 4.24 -11.27 18.12
N ASN A 192 4.13 -10.15 18.81
CA ASN A 192 4.61 -8.90 18.26
C ASN A 192 6.11 -8.83 18.10
N ALA A 193 6.87 -9.61 18.87
CA ALA A 193 8.31 -9.64 18.68
C ALA A 193 8.68 -10.39 17.41
N GLN A 194 7.81 -11.30 16.95
CA GLN A 194 8.09 -12.13 15.77
C GLN A 194 7.34 -11.77 14.52
N ARG A 195 6.38 -10.87 14.63
CA ARG A 195 5.59 -10.38 13.52
C ARG A 195 6.44 -9.70 12.48
N THR A 196 6.08 -9.76 11.22
CA THR A 196 6.75 -8.96 10.25
C THR A 196 6.13 -7.53 10.23
N LEU A 197 7.02 -6.55 10.27
CA LEU A 197 6.65 -5.13 10.28
C LEU A 197 7.12 -4.51 9.00
N VAL A 198 6.38 -3.52 8.53
CA VAL A 198 6.60 -2.86 7.22
C VAL A 198 6.84 -1.39 7.48
N VAL A 199 8.00 -0.91 7.03
CA VAL A 199 8.35 0.49 7.20
C VAL A 199 8.33 1.16 5.81
N GLN A 200 8.04 2.42 5.78
CA GLN A 200 7.78 3.15 4.52
C GLN A 200 8.97 3.99 4.14
N GLY A 201 9.25 4.02 2.80
CA GLY A 201 10.25 4.90 2.30
C GLY A 201 9.78 6.31 2.10
N PRO A 202 10.74 7.22 1.89
CA PRO A 202 10.42 8.65 1.69
C PRO A 202 9.46 8.84 0.54
N SER A 203 8.31 9.48 0.84
CA SER A 203 7.22 9.68 -0.11
C SER A 203 6.75 8.41 -0.77
N THR A 204 7.01 7.26 -0.14
CA THR A 204 6.85 5.97 -0.76
C THR A 204 7.33 5.98 -2.25
N ASN A 205 8.43 6.64 -2.49
CA ASN A 205 8.96 6.87 -3.82
C ASN A 205 10.17 5.99 -4.03
N ILE A 206 10.22 5.25 -5.11
CA ILE A 206 11.35 4.36 -5.36
C ILE A 206 12.67 5.11 -5.42
N ASN A 207 12.76 6.13 -6.25
CA ASN A 207 14.02 6.82 -6.45
C ASN A 207 14.55 7.39 -5.13
N SER A 208 13.69 8.07 -4.38
CA SER A 208 14.15 8.65 -3.10
C SER A 208 14.51 7.60 -2.10
N SER A 209 13.74 6.50 -2.07
CA SER A 209 13.97 5.46 -1.11
C SER A 209 15.35 4.80 -1.33
N VAL A 210 15.62 4.42 -2.56
CA VAL A 210 16.86 3.70 -2.80
C VAL A 210 18.08 4.60 -2.67
N ASN A 211 17.88 5.91 -2.82
CA ASN A 211 18.92 6.90 -2.63
C ASN A 211 19.15 7.14 -1.13
N TYR A 212 18.19 7.62 -0.44
CA TYR A 212 18.30 8.12 0.91
C TYR A 212 18.02 7.13 2.04
N MET A 213 17.32 6.06 1.74
CA MET A 213 16.94 5.09 2.71
C MET A 213 17.52 3.73 2.34
N THR A 214 18.85 3.66 2.30
CA THR A 214 19.53 2.44 2.07
C THR A 214 19.34 1.46 3.23
N ALA A 215 19.62 0.18 2.97
CA ALA A 215 19.28 -0.86 3.91
C ALA A 215 19.90 -0.72 5.23
N ASP A 216 21.11 -0.15 5.31
CA ASP A 216 21.80 0.09 6.54
C ASP A 216 21.11 1.08 7.44
N LYS A 217 20.18 1.87 6.92
CA LYS A 217 19.42 2.84 7.72
C LYS A 217 18.11 2.27 8.22
N LEU A 218 17.74 1.04 7.84
CA LEU A 218 16.52 0.46 8.29
C LEU A 218 16.61 0.11 9.76
N PRO A 219 15.47 0.01 10.48
CA PRO A 219 15.51 -0.08 11.94
C PRO A 219 15.91 -1.44 12.46
N GLU A 220 15.91 -2.48 11.64
CA GLU A 220 16.29 -3.82 12.01
C GLU A 220 17.13 -4.39 10.92
N THR A 221 17.93 -5.42 11.25
CA THR A 221 18.51 -6.29 10.26
C THR A 221 17.41 -7.02 9.54
N ALA A 222 17.75 -7.65 8.42
CA ALA A 222 16.81 -8.51 7.72
C ALA A 222 16.33 -9.62 8.61
N GLY A 223 15.09 -9.99 8.43
CA GLY A 223 14.53 -11.17 9.05
C GLY A 223 13.01 -11.07 9.17
N ARG A 224 12.55 -9.97 9.75
CA ARG A 224 11.12 -9.77 10.09
C ARG A 224 10.70 -8.35 9.74
N LEU A 225 11.24 -7.83 8.65
CA LEU A 225 11.01 -6.43 8.22
C LEU A 225 10.86 -6.36 6.73
N MET A 226 9.87 -5.60 6.26
CA MET A 226 9.67 -5.30 4.85
C MET A 226 9.71 -3.79 4.69
N VAL A 227 9.92 -3.37 3.41
CA VAL A 227 9.93 -1.95 3.02
C VAL A 227 8.78 -1.70 2.05
N GLU A 228 8.09 -0.61 2.23
CA GLU A 228 6.95 -0.23 1.40
C GLU A 228 7.27 1.01 0.59
N VAL A 229 6.94 0.89 -0.74
CA VAL A 229 6.85 1.99 -1.65
C VAL A 229 5.48 1.88 -2.35
N HIS A 230 5.09 2.95 -3.07
CA HIS A 230 3.88 2.95 -3.87
C HIS A 230 4.30 3.20 -5.33
N TYR A 231 3.40 2.86 -6.27
CA TYR A 231 3.78 2.95 -7.67
C TYR A 231 2.60 3.37 -8.50
N TYR A 232 2.66 4.59 -9.04
CA TYR A 232 1.57 5.18 -9.78
C TYR A 232 2.08 5.84 -11.08
N ASP A 233 3.20 5.39 -11.62
CA ASP A 233 3.70 5.87 -12.90
C ASP A 233 3.17 5.02 -14.02
N PRO A 234 2.71 5.63 -15.14
CA PRO A 234 2.55 7.06 -15.40
C PRO A 234 1.23 7.55 -14.84
N GLY A 235 1.26 8.72 -14.20
CA GLY A 235 0.11 9.21 -13.49
C GLY A 235 -1.16 9.44 -14.32
N GLN A 236 -0.97 9.74 -15.61
CA GLN A 236 -2.09 10.00 -16.49
C GLN A 236 -2.82 8.77 -16.89
N PHE A 237 -2.20 7.59 -16.69
CA PHE A 237 -2.83 6.30 -16.86
C PHE A 237 -3.33 5.71 -15.55
N CYS A 238 -2.57 5.97 -14.46
CA CYS A 238 -2.80 5.38 -13.16
C CYS A 238 -3.80 6.14 -12.32
N GLY A 239 -4.02 7.43 -12.61
CA GLY A 239 -5.01 8.27 -11.95
C GLY A 239 -4.52 9.29 -11.00
N THR A 240 -3.22 9.57 -10.89
CA THR A 240 -2.76 10.52 -9.90
C THR A 240 -2.72 11.95 -10.39
N PHE A 241 -2.54 12.23 -11.67
CA PHE A 241 -2.55 13.58 -12.17
C PHE A 241 -2.82 13.55 -13.66
N ASP A 242 -3.41 14.65 -14.12
CA ASP A 242 -3.68 14.89 -15.55
C ASP A 242 -4.28 13.63 -16.19
N ALA A 243 -5.25 13.02 -15.49
CA ALA A 243 -5.66 11.65 -15.80
C ALA A 243 -7.03 11.55 -16.44
N SER A 244 -7.63 12.67 -16.80
CA SER A 244 -8.85 12.70 -17.57
C SER A 244 -8.69 13.80 -18.63
N GLY A 245 -9.44 13.66 -19.70
CA GLY A 245 -9.38 14.66 -20.77
C GLY A 245 -8.20 14.44 -21.67
N ASP A 246 -7.78 15.55 -22.34
CA ASP A 246 -6.84 15.43 -23.41
C ASP A 246 -5.48 14.95 -22.98
N ASN A 247 -5.06 15.21 -21.77
CA ASN A 247 -3.77 14.74 -21.29
C ASN A 247 -3.76 13.31 -20.78
N ALA A 248 -4.93 12.72 -20.63
CA ALA A 248 -5.04 11.41 -20.05
C ALA A 248 -4.40 10.36 -20.94
N PHE A 249 -3.98 9.24 -20.36
CA PHE A 249 -3.54 8.06 -21.09
C PHE A 249 -4.58 7.02 -20.98
N TYR A 250 -5.01 6.49 -22.14
CA TYR A 250 -5.90 5.35 -22.23
C TYR A 250 -5.20 4.07 -22.65
N PHE A 251 -4.05 4.20 -23.30
CA PHE A 251 -3.37 3.08 -23.93
C PHE A 251 -2.00 3.00 -23.38
N TRP A 252 -1.53 1.79 -23.08
CA TRP A 252 -0.30 1.57 -22.34
C TRP A 252 0.31 0.25 -22.76
N GLY A 253 1.60 0.32 -23.03
CA GLY A 253 2.32 -0.84 -23.58
C GLY A 253 2.44 -0.74 -25.07
N ALA A 254 3.56 -0.99 -25.63
CA ALA A 254 3.55 -0.79 -27.21
C ALA A 254 2.59 -1.50 -28.02
N ALA A 255 2.32 -2.70 -27.57
CA ALA A 255 1.34 -3.51 -28.31
C ALA A 255 -0.04 -2.97 -28.26
N ASN A 256 -0.26 -1.93 -27.44
CA ASN A 256 -1.61 -1.48 -27.21
C ASN A 256 -1.87 -0.02 -27.63
N HIS A 257 -0.90 0.62 -28.27
CA HIS A 257 -1.16 2.04 -28.66
C HIS A 257 -2.23 2.15 -29.73
N SER A 258 -2.91 3.29 -29.71
CA SER A 258 -4.02 3.54 -30.60
C SER A 258 -3.94 4.96 -31.14
N THR A 259 -5.07 5.56 -31.46
CA THR A 259 -5.11 6.75 -32.25
C THR A 259 -4.63 8.02 -31.50
N ASP A 260 -4.89 8.09 -30.19
CA ASP A 260 -4.59 9.23 -29.38
C ASP A 260 -4.63 8.74 -27.90
N HIS A 261 -4.32 9.64 -26.99
CA HIS A 261 -4.28 9.28 -25.58
C HIS A 261 -3.33 8.13 -25.28
N ASN A 262 -2.22 8.03 -26.03
CA ASN A 262 -1.23 7.01 -25.74
C ASN A 262 -0.29 7.42 -24.63
N ALA A 263 0.09 6.50 -23.79
CA ALA A 263 1.17 6.76 -22.85
C ALA A 263 2.42 7.12 -23.64
N THR A 264 3.13 8.13 -23.18
CA THR A 264 4.38 8.58 -23.76
C THR A 264 5.59 8.35 -22.89
N TYR A 265 5.34 7.80 -21.72
CA TYR A 265 6.42 7.41 -20.81
C TYR A 265 5.84 6.41 -19.82
N GLY A 266 6.75 5.84 -19.04
CA GLY A 266 6.30 4.96 -17.98
C GLY A 266 5.76 3.64 -18.36
N GLU A 267 6.22 3.12 -19.50
CA GLU A 267 5.77 1.85 -20.01
C GLU A 267 6.61 0.70 -19.46
N GLU A 268 6.64 -0.44 -20.14
CA GLU A 268 7.15 -1.66 -19.49
C GLU A 268 8.59 -1.55 -19.11
N ALA A 269 9.47 -1.01 -19.97
CA ALA A 269 10.86 -0.94 -19.64
C ALA A 269 11.11 -0.04 -18.47
N TYR A 270 10.37 1.06 -18.38
CA TYR A 270 10.45 1.97 -17.24
C TYR A 270 10.09 1.23 -15.97
N MET A 271 8.95 0.54 -15.98
CA MET A 271 8.48 -0.20 -14.82
C MET A 271 9.52 -1.21 -14.38
N LEU A 272 10.04 -2.00 -15.33
CA LEU A 272 11.05 -3.01 -14.99
C LEU A 272 12.26 -2.38 -14.35
N SER A 273 12.71 -1.26 -14.89
CA SER A 273 13.87 -0.58 -14.33
C SER A 273 13.66 -0.13 -12.91
N GLN A 274 12.46 0.45 -12.64
CA GLN A 274 12.14 0.90 -11.30
C GLN A 274 12.10 -0.25 -10.32
N PHE A 275 11.44 -1.35 -10.73
CA PHE A 275 11.34 -2.49 -9.81
C PHE A 275 12.72 -3.11 -9.57
N GLY A 276 13.61 -3.05 -10.55
CA GLY A 276 14.96 -3.52 -10.37
C GLY A 276 15.69 -2.73 -9.32
N LEU A 277 15.43 -1.45 -9.22
CA LEU A 277 16.07 -0.64 -8.18
C LEU A 277 15.72 -1.16 -6.80
N LEU A 278 14.48 -1.60 -6.63
CA LEU A 278 14.02 -2.16 -5.34
C LEU A 278 14.66 -3.49 -5.04
N LYS A 279 14.92 -4.29 -6.07
CA LYS A 279 15.67 -5.53 -5.90
C LYS A 279 17.06 -5.23 -5.38
N THR A 280 17.75 -4.28 -6.03
CA THR A 280 19.09 -3.97 -5.65
C THR A 280 19.16 -3.43 -4.24
N ALA A 281 18.26 -2.53 -3.88
CA ALA A 281 18.34 -1.85 -2.58
C ALA A 281 17.87 -2.70 -1.44
N TYR A 282 16.86 -3.53 -1.65
CA TYR A 282 16.10 -4.16 -0.57
C TYR A 282 15.97 -5.63 -0.72
N THR A 283 15.33 -6.12 -1.78
CA THR A 283 14.94 -7.52 -1.75
C THR A 283 16.14 -8.45 -1.90
N SER A 284 17.16 -8.02 -2.61
CA SER A 284 18.43 -8.76 -2.68
C SER A 284 19.20 -8.74 -1.35
N LEU A 285 18.81 -7.90 -0.43
CA LEU A 285 19.41 -7.82 0.89
C LEU A 285 18.54 -8.39 1.96
N GLY A 286 17.52 -9.16 1.59
CA GLY A 286 16.70 -9.87 2.51
C GLY A 286 15.55 -9.11 3.11
N TYR A 287 15.20 -7.95 2.56
CA TYR A 287 14.05 -7.17 2.94
C TYR A 287 13.02 -7.26 1.82
N PRO A 288 12.00 -8.08 1.96
CA PRO A 288 10.96 -8.06 0.95
C PRO A 288 10.36 -6.68 0.89
N VAL A 289 9.86 -6.34 -0.33
CA VAL A 289 9.23 -5.06 -0.57
C VAL A 289 7.74 -5.27 -0.89
N ILE A 290 6.91 -4.41 -0.32
CA ILE A 290 5.54 -4.30 -0.78
C ILE A 290 5.42 -3.02 -1.57
N ILE A 291 4.80 -3.16 -2.77
CA ILE A 291 4.23 -2.04 -3.48
C ILE A 291 2.84 -1.94 -2.88
N GLY A 292 2.72 -1.09 -1.86
CA GLY A 292 1.51 -1.07 -1.03
C GLY A 292 0.30 -0.53 -1.76
N GLU A 293 0.51 0.22 -2.82
CA GLU A 293 -0.58 0.72 -3.68
C GLU A 293 -0.01 0.83 -5.10
N TYR A 294 -0.82 0.41 -6.05
CA TYR A 294 -0.65 0.68 -7.46
C TYR A 294 -2.05 0.60 -8.09
N ALA A 295 -2.22 1.17 -9.30
CA ALA A 295 -3.49 1.11 -9.97
C ALA A 295 -3.35 1.55 -11.41
N ALA A 296 -4.30 1.12 -12.25
CA ALA A 296 -4.56 1.78 -13.53
C ALA A 296 -6.02 2.07 -13.60
N LEU A 297 -6.41 3.17 -14.25
CA LEU A 297 -7.83 3.47 -14.43
C LEU A 297 -8.46 2.60 -15.51
N GLN A 298 -9.50 1.88 -15.16
CA GLN A 298 -10.38 1.23 -16.12
C GLN A 298 -11.50 2.20 -16.43
N ARG A 299 -11.62 2.52 -17.73
CA ARG A 299 -12.48 3.53 -18.24
C ARG A 299 -13.46 2.95 -19.22
N THR A 300 -14.47 3.76 -19.58
CA THR A 300 -15.29 3.62 -20.78
C THR A 300 -14.98 4.80 -21.64
N ILE A 301 -14.45 4.55 -22.84
CA ILE A 301 -13.99 5.56 -23.75
C ILE A 301 -14.70 5.51 -25.07
N SER A 302 -14.65 6.63 -25.81
CA SER A 302 -15.23 6.70 -27.12
C SER A 302 -14.45 6.03 -28.18
N GLY A 303 -13.14 5.90 -28.00
CA GLY A 303 -12.23 5.28 -28.98
C GLY A 303 -12.19 3.77 -28.87
N ASP A 304 -11.00 3.18 -29.02
CA ASP A 304 -10.88 1.72 -29.12
C ASP A 304 -10.96 1.09 -27.71
N GLN A 305 -12.14 0.71 -27.31
CA GLN A 305 -12.32 0.16 -25.98
C GLN A 305 -11.55 -1.13 -25.81
N ASN A 306 -11.44 -1.96 -26.81
CA ASN A 306 -10.69 -3.21 -26.66
C ASN A 306 -9.24 -2.95 -26.38
N LYS A 307 -8.64 -1.96 -27.01
CA LYS A 307 -7.27 -1.63 -26.80
C LYS A 307 -7.03 -0.99 -25.41
N HIS A 308 -7.99 -0.21 -24.96
CA HIS A 308 -7.94 0.31 -23.56
C HIS A 308 -8.00 -0.87 -22.60
N ASN A 309 -8.97 -1.75 -22.77
CA ASN A 309 -9.12 -2.90 -21.87
C ASN A 309 -7.88 -3.72 -21.84
N ALA A 310 -7.25 -3.94 -23.00
CA ALA A 310 -6.01 -4.68 -23.11
C ALA A 310 -4.89 -3.96 -22.40
N SER A 311 -4.86 -2.68 -22.43
CA SER A 311 -3.87 -1.88 -21.74
C SER A 311 -3.99 -2.02 -20.23
N VAL A 312 -5.21 -1.95 -19.73
CA VAL A 312 -5.44 -2.21 -18.28
C VAL A 312 -4.97 -3.57 -17.88
N LYS A 313 -5.36 -4.58 -18.63
CA LYS A 313 -4.91 -5.95 -18.33
C LYS A 313 -3.42 -6.02 -18.33
N TYR A 314 -2.76 -5.47 -19.36
CA TYR A 314 -1.34 -5.60 -19.51
C TYR A 314 -0.62 -4.86 -18.41
N PHE A 315 -1.13 -3.72 -17.98
CA PHE A 315 -0.50 -3.01 -16.86
C PHE A 315 -0.52 -3.83 -15.58
N TYR A 316 -1.67 -4.38 -15.24
CA TYR A 316 -1.74 -5.24 -14.07
C TYR A 316 -0.89 -6.48 -14.22
N GLN A 317 -0.81 -7.03 -15.42
CA GLN A 317 0.07 -8.16 -15.69
C GLN A 317 1.51 -7.79 -15.41
N CYS A 318 1.98 -6.71 -16.00
CA CYS A 318 3.35 -6.31 -15.83
C CYS A 318 3.68 -6.03 -14.37
N VAL A 319 2.81 -5.28 -13.67
CA VAL A 319 3.10 -5.01 -12.27
C VAL A 319 3.31 -6.32 -11.52
N ASN A 320 2.39 -7.25 -11.66
CA ASN A 320 2.45 -8.43 -10.84
C ASN A 320 3.53 -9.39 -11.29
N GLU A 321 3.80 -9.51 -12.59
CA GLU A 321 4.90 -10.33 -13.10
C GLU A 321 6.23 -9.77 -12.62
N TYR A 322 6.46 -8.51 -12.91
CA TYR A 322 7.74 -7.92 -12.59
C TYR A 322 7.97 -7.82 -11.09
N ALA A 323 6.90 -7.57 -10.35
CA ALA A 323 7.02 -7.57 -8.89
C ALA A 323 7.43 -8.94 -8.40
N THR A 324 6.73 -9.97 -8.81
CA THR A 324 7.02 -11.31 -8.37
C THR A 324 8.49 -11.65 -8.67
N ASN A 325 8.94 -11.35 -9.89
CA ASN A 325 10.31 -11.70 -10.29
C ASN A 325 11.32 -11.03 -9.37
N ASN A 326 11.00 -9.89 -8.81
CA ASN A 326 11.90 -9.08 -8.00
C ASN A 326 11.71 -9.23 -6.50
N GLY A 327 10.88 -10.17 -6.08
CA GLY A 327 10.64 -10.34 -4.66
C GLY A 327 9.82 -9.29 -4.03
N ILE A 328 8.89 -8.72 -4.79
CA ILE A 328 8.00 -7.67 -4.37
C ILE A 328 6.58 -8.18 -4.41
N ILE A 329 5.76 -7.80 -3.40
CA ILE A 329 4.32 -8.10 -3.39
C ILE A 329 3.60 -6.82 -3.72
N ALA A 330 2.72 -6.81 -4.73
CA ALA A 330 2.01 -5.64 -5.15
C ALA A 330 0.57 -5.69 -4.72
N PHE A 331 0.04 -4.55 -4.22
CA PHE A 331 -1.31 -4.42 -3.69
C PHE A 331 -2.12 -3.42 -4.50
N ALA A 332 -3.16 -3.92 -5.18
CA ALA A 332 -3.98 -3.10 -6.05
C ALA A 332 -4.80 -2.10 -5.22
N TRP A 333 -4.82 -0.84 -5.61
CA TRP A 333 -5.62 0.17 -4.92
C TRP A 333 -7.02 0.11 -5.42
N ASP A 334 -8.00 -0.13 -4.55
CA ASP A 334 -9.38 -0.41 -4.94
C ASP A 334 -10.29 0.27 -3.93
N THR A 335 -11.03 1.28 -4.39
CA THR A 335 -11.88 2.12 -3.55
C THR A 335 -13.35 1.81 -3.72
N ASN A 336 -13.72 0.73 -4.39
CA ASN A 336 -15.14 0.34 -4.53
C ASN A 336 -15.97 1.46 -5.16
N ASP A 337 -15.50 1.97 -6.26
CA ASP A 337 -16.19 2.95 -7.11
C ASP A 337 -16.56 2.21 -8.41
N THR A 338 -17.73 1.58 -8.45
CA THR A 338 -18.14 0.89 -9.63
C THR A 338 -18.63 1.81 -10.74
N ASN A 339 -19.13 2.99 -10.38
CA ASN A 339 -19.66 3.91 -11.35
C ASN A 339 -18.59 4.49 -12.26
N GLY A 340 -17.44 4.74 -11.71
CA GLY A 340 -16.40 5.36 -12.49
C GLY A 340 -15.95 4.49 -13.66
N LEU A 341 -16.11 3.18 -13.58
CA LEU A 341 -15.79 2.25 -14.66
C LEU A 341 -16.58 2.60 -15.92
N ASN A 342 -17.75 3.24 -15.76
CA ASN A 342 -18.67 3.57 -16.83
C ASN A 342 -18.57 5.04 -17.21
N SER A 343 -17.33 5.54 -17.21
CA SER A 343 -17.06 6.90 -17.60
C SER A 343 -15.63 7.02 -18.11
N GLU A 344 -15.33 8.10 -18.80
CA GLU A 344 -13.98 8.35 -19.28
C GLU A 344 -13.00 8.51 -18.16
N GLY A 345 -13.43 9.06 -17.04
CA GLY A 345 -12.55 9.32 -15.93
C GLY A 345 -12.04 8.07 -15.27
N GLY A 346 -12.84 7.01 -15.33
CA GLY A 346 -12.40 5.70 -14.90
C GLY A 346 -12.42 5.45 -13.43
N SER A 347 -12.06 4.20 -13.09
CA SER A 347 -11.93 3.76 -11.70
C SER A 347 -10.93 2.63 -11.71
N SER A 348 -10.23 2.46 -10.57
CA SER A 348 -9.33 1.30 -10.39
C SER A 348 -10.04 0.16 -9.71
N THR A 349 -11.36 0.22 -9.58
CA THR A 349 -12.06 -0.82 -8.83
C THR A 349 -12.07 -2.14 -9.56
N ILE A 350 -11.72 -3.18 -8.79
CA ILE A 350 -11.77 -4.57 -9.23
C ILE A 350 -12.95 -5.32 -8.64
N ILE A 351 -13.15 -5.17 -7.32
CA ILE A 351 -14.17 -5.88 -6.59
C ILE A 351 -15.40 -5.02 -6.41
N ASP A 352 -16.53 -5.52 -6.94
CA ASP A 352 -17.84 -4.90 -6.69
C ASP A 352 -18.30 -5.41 -5.35
N ARG A 353 -17.97 -4.66 -4.27
CA ARG A 353 -18.23 -5.16 -2.94
C ARG A 353 -19.70 -5.39 -2.68
N ALA A 354 -20.57 -4.55 -3.21
CA ALA A 354 -22.00 -4.69 -2.97
C ALA A 354 -22.52 -6.02 -3.46
N ASN A 355 -21.92 -6.61 -4.49
CA ASN A 355 -22.30 -7.88 -5.05
C ASN A 355 -21.29 -9.00 -4.83
N SER A 356 -20.25 -8.78 -4.00
CA SER A 356 -19.24 -9.77 -3.71
C SER A 356 -18.81 -10.47 -5.01
N ALA A 357 -18.33 -9.68 -5.96
CA ALA A 357 -17.99 -10.22 -7.29
C ALA A 357 -16.94 -9.35 -7.92
N VAL A 358 -16.20 -9.90 -8.88
CA VAL A 358 -15.25 -9.13 -9.69
C VAL A 358 -16.02 -8.41 -10.76
N VAL A 359 -15.82 -7.08 -10.83
CA VAL A 359 -16.29 -6.24 -11.92
C VAL A 359 -15.17 -5.75 -12.80
N GLY A 360 -13.97 -5.54 -12.28
CA GLY A 360 -12.83 -5.10 -13.09
C GLY A 360 -12.10 -6.24 -13.67
N ASN A 361 -12.70 -6.86 -14.68
CA ASN A 361 -12.22 -8.11 -15.19
C ASN A 361 -10.91 -7.96 -15.94
N ASN A 362 -10.68 -6.85 -16.62
CA ASN A 362 -9.41 -6.69 -17.33
C ASN A 362 -8.26 -6.64 -16.33
N ALA A 363 -8.41 -5.82 -15.31
CA ALA A 363 -7.42 -5.72 -14.28
C ALA A 363 -7.18 -7.07 -13.61
N MET A 364 -8.27 -7.76 -13.25
CA MET A 364 -8.13 -9.00 -12.50
C MET A 364 -7.48 -10.12 -13.37
N GLU A 365 -7.82 -10.18 -14.67
CA GLU A 365 -7.16 -11.13 -15.54
C GLU A 365 -5.69 -10.80 -15.62
N GLY A 366 -5.34 -9.53 -15.64
CA GLY A 366 -3.97 -9.14 -15.67
C GLY A 366 -3.22 -9.51 -14.41
N VAL A 367 -3.80 -9.31 -13.23
CA VAL A 367 -3.21 -9.76 -11.98
C VAL A 367 -2.86 -11.24 -12.08
N LYS A 368 -3.88 -12.04 -12.46
CA LYS A 368 -3.74 -13.48 -12.50
C LYS A 368 -2.65 -13.88 -13.48
N ALA A 369 -2.63 -13.30 -14.67
CA ALA A 369 -1.64 -13.63 -15.66
C ALA A 369 -0.25 -13.24 -15.17
N GLY A 370 -0.12 -12.10 -14.52
CA GLY A 370 1.19 -11.65 -14.08
C GLY A 370 1.76 -12.54 -12.98
N VAL A 371 0.94 -12.88 -12.01
CA VAL A 371 1.40 -13.78 -10.98
C VAL A 371 1.78 -15.11 -11.58
N ALA A 372 1.03 -15.64 -12.53
CA ALA A 372 1.38 -16.92 -13.14
C ALA A 372 2.67 -16.86 -13.88
N ALA A 373 3.01 -15.75 -14.53
CA ALA A 373 4.23 -15.64 -15.31
C ALA A 373 5.45 -15.35 -14.45
N GLY A 374 5.23 -14.80 -13.27
CA GLY A 374 6.35 -14.49 -12.40
C GLY A 374 7.01 -15.67 -11.77
N LYS A 375 8.24 -15.47 -11.28
CA LYS A 375 8.96 -16.52 -10.59
C LYS A 375 9.56 -15.89 -9.33
N TRP A 376 9.01 -16.22 -8.20
CA TRP A 376 9.42 -15.59 -6.93
C TRP A 376 10.84 -16.04 -6.61
N PRO A 377 11.73 -15.10 -6.26
CA PRO A 377 13.06 -15.47 -5.86
C PRO A 377 13.19 -15.82 -4.39
N PHE A 378 13.86 -16.88 -4.07
CA PHE A 378 14.01 -17.28 -2.69
C PHE A 378 15.37 -16.85 -2.20
N LEU A 379 15.42 -16.21 -1.05
CA LEU A 379 16.65 -15.82 -0.38
C LEU A 379 16.64 -16.54 0.95
N GLU A 380 17.40 -17.61 1.06
CA GLU A 380 17.37 -18.52 2.17
C GLU A 380 18.76 -18.71 2.76
N HIS A 381 18.78 -19.12 4.02
CA HIS A 381 20.00 -19.46 4.70
C HIS A 381 20.03 -20.92 5.14
N HIS A 382 18.93 -21.64 5.00
CA HIS A 382 18.76 -23.03 5.30
C HIS A 382 17.84 -23.64 4.26
N HIS A 383 17.86 -24.96 4.18
CA HIS A 383 16.94 -25.66 3.29
C HIS A 383 15.50 -25.49 3.71
N HIS A 384 14.66 -25.25 2.72
CA HIS A 384 13.23 -25.30 2.87
C HIS A 384 12.67 -26.36 1.91
N HIS A 385 11.50 -26.92 2.30
CA HIS A 385 10.95 -28.00 1.58
C HIS A 385 10.57 -27.78 0.17
N HIS A 386 10.03 -26.56 -0.13
CA HIS A 386 9.57 -26.23 -1.46
C HIS A 386 8.56 -27.29 -1.96
C1 GLC B . -2.25 7.84 -1.94
C2 GLC B . -3.04 7.55 -0.67
C3 GLC B . -4.45 7.15 -0.93
C4 GLC B . -5.08 8.11 -1.91
C5 GLC B . -4.28 8.35 -3.12
C6 GLC B . -4.89 9.77 -3.89
C6 GLC B . -4.70 8.69 -4.47
O1 GLC B . -1.98 6.78 -2.73
O2 GLC B . -2.37 6.60 0.16
O3 GLC B . -5.14 7.22 0.33
O4 GLC B . -6.34 7.56 -2.22
O5 GLC B . -2.97 8.75 -2.75
O6 GLC B . -5.07 11.03 -3.13
O6 GLC B . -3.72 8.60 -5.54
C2 BGC B . -8.56 7.95 -2.88
C3 BGC B . -9.54 9.09 -3.03
C4 BGC B . -9.78 9.81 -1.71
C5 BGC B . -8.34 10.29 -1.22
C6 BGC B . -8.41 11.04 0.17
C1 BGC B . -7.24 8.56 -2.37
O2 BGC B . -8.32 7.28 -4.24
O3 BGC B . -10.84 8.66 -3.46
O4 BGC B . -10.53 10.93 -1.95
O5 BGC B . -7.52 9.20 -1.09
O6 BGC B . -7.26 11.94 0.24
C2 BGC B . -12.17 12.44 -1.00
C3 BGC B . -13.55 12.47 -0.33
C4 BGC B . -14.56 11.61 -1.08
C5 BGC B . -14.01 10.24 -1.19
C6 BGC B . -14.87 9.35 -2.04
C1 BGC B . -11.60 11.06 -1.07
O2 BGC B . -11.17 13.14 -0.36
O3 BGC B . -14.01 13.84 -0.36
O4 BGC B . -15.75 11.50 -0.23
O5 BGC B . -12.73 10.39 -1.80
O6 BGC B . -15.08 9.89 -3.33
C2 BGC B . -18.13 11.44 -0.06
C3 BGC B . -19.40 11.99 -0.70
C4 BGC B . -19.36 13.51 -0.75
C5 BGC B . -18.05 13.97 -1.40
C6 BGC B . -17.80 15.49 -1.25
C1 BGC B . -16.93 11.92 -0.82
O2 BGC B . -18.20 10.00 -0.21
O3 BGC B . -20.55 11.63 0.10
O4 BGC B . -20.49 14.01 -1.39
O5 BGC B . -16.93 13.40 -0.69
O6 BGC B . -16.46 15.87 -1.78
C1 XYS B . -16.38 16.12 -3.16
C2 XYS B . -14.87 15.95 -3.50
C3 XYS B . -14.02 17.08 -2.83
C4 XYS B . -14.67 18.40 -3.29
C5 XYS B . -16.16 18.52 -2.98
O2 XYS B . -14.31 14.66 -3.11
O3 XYS B . -12.66 17.03 -3.25
O4 XYS B . -14.02 19.41 -2.51
O5 XYS B . -16.86 17.44 -3.52
C1 XYS B . -14.24 9.39 -4.37
C2 XYS B . -14.30 10.25 -5.64
C3 XYS B . -15.78 10.10 -6.12
C4 XYS B . -16.20 8.69 -6.24
C5 XYS B . -15.97 8.14 -4.88
O2 XYS B . -14.02 11.66 -5.39
O3 XYS B . -15.87 10.45 -7.51
O4 XYS B . -17.55 8.58 -6.71
O5 XYS B . -14.56 8.10 -4.77
C1 XYS B . -6.73 12.14 1.49
C2 XYS B . -5.89 13.44 1.46
C3 XYS B . -4.64 13.29 0.59
C4 XYS B . -3.85 12.12 1.05
C5 XYS B . -4.76 10.92 1.09
O2 XYS B . -6.63 14.57 0.92
O3 XYS B . -3.83 14.50 0.72
O4 XYS B . -2.78 11.91 0.14
O5 XYS B . -5.90 11.13 1.96
C1 GAL B . -7.49 15.34 1.87
C2 GAL B . -7.79 16.71 1.37
C3 GAL B . -8.67 17.46 2.35
C4 GAL B . -9.96 16.60 2.54
C5 GAL B . -9.65 15.13 2.87
C6 GAL B . -10.90 14.15 2.85
O2 GAL B . -6.53 17.32 1.29
O3 GAL B . -9.02 18.70 1.80
O4 GAL B . -10.71 16.55 1.30
O5 GAL B . -8.73 14.52 1.99
O6 GAL B . -12.28 14.41 3.17
C2 BGC C . -26.71 1.22 -25.60
C3 BGC C . -25.56 1.24 -24.55
C4 BGC C . -24.30 0.62 -25.18
C5 BGC C . -23.99 1.16 -26.63
C6 BGC C . -22.79 0.51 -27.34
C1 BGC C . -26.23 1.80 -26.99
O1 BGC C . -27.22 1.69 -28.01
O2 BGC C . -27.79 1.88 -24.99
O3 BGC C . -25.92 0.42 -23.41
O4 BGC C . -23.22 0.82 -24.31
O5 BGC C . -25.08 1.08 -27.53
O6 BGC C . -23.07 -0.91 -27.46
C2 BGC C . -21.30 0.19 -23.05
C3 BGC C . -20.75 -1.00 -22.25
C4 BGC C . -21.78 -1.40 -21.14
C5 BGC C . -23.17 -1.61 -21.75
C6 BGC C . -24.26 -1.84 -20.69
C1 BGC C . -22.67 -0.22 -23.57
O2 BGC C . -20.44 0.40 -24.19
O3 BGC C . -19.51 -0.72 -21.68
O4 BGC C . -21.36 -2.64 -20.61
O5 BGC C . -23.53 -0.40 -22.48
O6 BGC C . -25.44 -2.21 -21.45
C2 BGC C . -21.17 -4.07 -18.74
C3 BGC C . -20.67 -4.23 -17.31
C4 BGC C . -19.26 -3.59 -17.15
C5 BGC C . -19.27 -2.13 -17.73
C6 BGC C . -17.93 -1.44 -17.69
C1 BGC C . -21.09 -2.64 -19.26
O2 BGC C . -22.57 -4.44 -18.83
O3 BGC C . -20.59 -5.66 -16.98
O4 BGC C . -18.98 -3.67 -15.75
O5 BGC C . -19.78 -2.16 -19.11
O6 BGC C . -16.99 -2.16 -18.53
C1 XYS C . -15.71 -1.72 -18.39
C2 XYS C . -14.90 -2.59 -19.39
C3 XYS C . -14.85 -4.02 -19.04
C4 XYS C . -14.36 -4.16 -17.57
C5 XYS C . -15.11 -3.30 -16.55
O2 XYS C . -15.42 -2.41 -20.78
O3 XYS C . -14.17 -4.74 -19.94
O4 XYS C . -14.14 -5.52 -17.09
O5 XYS C . -15.25 -1.92 -17.04
C1 XYS C . -26.52 -2.53 -20.59
C2 XYS C . -27.58 -3.09 -21.58
C3 XYS C . -27.88 -1.99 -22.63
C4 XYS C . -28.34 -0.71 -21.85
C5 XYS C . -27.32 -0.29 -20.77
O2 XYS C . -27.04 -4.29 -22.14
O3 XYS C . -28.88 -2.45 -23.55
O4 XYS C . -28.65 0.46 -22.68
O5 XYS C . -26.96 -1.38 -19.86
S SO4 D . 16.16 -19.16 6.60
O1 SO4 D . 17.23 -19.31 7.55
O2 SO4 D . 14.84 -19.20 7.12
O3 SO4 D . 16.37 -17.88 5.87
O4 SO4 D . 16.31 -19.87 5.42
S SO4 E . 15.40 15.84 -2.96
O1 SO4 E . 16.15 16.00 -1.67
O2 SO4 E . 13.94 15.91 -2.69
O3 SO4 E . 15.83 16.89 -3.91
O4 SO4 E . 15.72 14.49 -3.56
S SO4 F . 9.20 2.88 -21.35
O1 SO4 F . 10.49 3.34 -21.02
O2 SO4 F . 8.91 1.77 -20.81
O3 SO4 F . 9.37 2.57 -22.93
O4 SO4 F . 8.25 4.16 -21.39
C1 GOL G . 9.65 0.98 23.66
O1 GOL G . 9.20 2.02 22.93
C2 GOL G . 11.05 1.24 24.14
O2 GOL G . 11.93 1.71 23.07
C3 GOL G . 11.33 -0.05 24.77
O3 GOL G . 12.61 0.13 25.45
C1 GOL H . 18.74 4.81 11.59
O1 GOL H . 18.30 5.14 10.31
C2 GOL H . 17.68 4.64 12.70
O2 GOL H . 16.87 3.50 12.41
C3 GOL H . 16.82 5.95 12.99
O3 GOL H . 17.68 7.17 13.20
#